data_5KN8
#
_entry.id   5KN8
#
_cell.length_a   49.200
_cell.length_b   38.618
_cell.length_c   83.796
_cell.angle_alpha   90.00
_cell.angle_beta   104.00
_cell.angle_gamma   90.00
#
_symmetry.space_group_name_H-M   'P 1 21 1'
#
loop_
_entity.id
_entity.type
_entity.pdbx_description
1 polymer 'Adenine DNA glycosylase'
2 polymer "DNA (5'-D(*AP*TP*CP*CP*TP*GP*TP*GP*CP*T)-3')"
3 polymer "DNA (5'-D(*AP*GP*CP*AP*CP*AP*GP*GP*AP*T)-3')"
4 non-polymer 'IRON/SULFUR CLUSTER'
5 non-polymer 'CALCIUM ION'
6 water water
#
loop_
_entity_poly.entity_id
_entity_poly.type
_entity_poly.pdbx_seq_one_letter_code
_entity_poly.pdbx_strand_id
1 'polypeptide(L)'
;GSHMTRETERFPAREFQRDLLDWFARERRDLPWRKDRDPYKVWVSEVMLQQTRVETVIPYFEQFIDRFPTLEALADADED
EVLKAWEGLGYYSRVRNLHAAVKEVKTRYGGKVPDDPDEFSRLKGVGPYTVGAVLSLAYGVPEPAVNGNVMRVLSRLFLV
TDDIAKCSTRKRFEQIVREIMAYENPGAFNEALIELGALVCTPRRPSCLLCPVQAYCQAFAEGVAEELPVKM
;
A
2 'polydeoxyribonucleotide' (DA)(DT)(DC)(DC)(DT)(DG)(DT)(DG)(DC)(DT) C
3 'polydeoxyribonucleotide' (DA)(DG)(DC)(DA)(DC)(DA)(DG)(DG)(DA)(DT) D
#
# COMPACT_ATOMS: atom_id res chain seq x y z
N PHE A 11 -0.03 -7.51 -23.59
CA PHE A 11 1.03 -7.33 -22.59
C PHE A 11 1.53 -8.68 -22.07
N PRO A 12 2.86 -8.89 -22.07
CA PRO A 12 3.38 -10.19 -21.63
C PRO A 12 3.40 -10.31 -20.11
N ALA A 13 2.23 -10.47 -19.50
CA ALA A 13 2.09 -10.32 -18.07
C ALA A 13 2.86 -11.37 -17.27
N ARG A 14 2.90 -12.60 -17.77
CA ARG A 14 3.55 -13.64 -16.98
C ARG A 14 5.04 -13.36 -16.86
N GLU A 15 5.64 -12.91 -17.95
CA GLU A 15 7.07 -12.58 -17.98
C GLU A 15 7.35 -11.37 -17.09
N PHE A 16 6.45 -10.40 -17.11
CA PHE A 16 6.53 -9.23 -16.25
C PHE A 16 6.50 -9.64 -14.78
N GLN A 17 5.53 -10.46 -14.43
CA GLN A 17 5.38 -10.96 -13.07
C GLN A 17 6.64 -11.67 -12.58
N ARG A 18 7.20 -12.52 -13.45
CA ARG A 18 8.42 -13.26 -13.15
C ARG A 18 9.56 -12.32 -12.81
N ASP A 19 9.76 -11.31 -13.66
CA ASP A 19 10.88 -10.40 -13.47
C ASP A 19 10.68 -9.52 -12.25
N LEU A 20 9.46 -9.01 -12.08
CA LEU A 20 9.12 -8.20 -10.90
C LEU A 20 9.28 -8.98 -9.60
N LEU A 21 8.77 -10.21 -9.59
CA LEU A 21 8.72 -10.97 -8.33
C LEU A 21 10.08 -11.55 -7.99
N ASP A 22 10.87 -11.86 -9.02
CA ASP A 22 12.24 -12.35 -8.80
C ASP A 22 13.06 -11.23 -8.15
N TRP A 23 12.94 -10.03 -8.72
CA TRP A 23 13.58 -8.84 -8.14
C TRP A 23 13.15 -8.65 -6.70
N PHE A 24 11.84 -8.71 -6.46
CA PHE A 24 11.31 -8.53 -5.13
C PHE A 24 11.84 -9.58 -4.15
N ALA A 25 11.96 -10.82 -4.62
CA ALA A 25 12.52 -11.88 -3.81
C ALA A 25 13.93 -11.51 -3.32
N ARG A 26 14.71 -10.86 -4.16
CA ARG A 26 16.10 -10.54 -3.82
C ARG A 26 16.21 -9.31 -2.95
N GLU A 27 15.31 -8.34 -3.17
CA GLU A 27 15.53 -6.99 -2.67
C GLU A 27 14.60 -6.57 -1.53
N ARG A 28 13.50 -7.32 -1.37
CA ARG A 28 12.49 -7.01 -0.35
C ARG A 28 13.08 -6.60 0.98
N ARG A 29 12.73 -5.41 1.45
CA ARG A 29 13.24 -4.94 2.73
C ARG A 29 12.56 -5.65 3.90
N ASP A 30 13.35 -6.06 4.90
CA ASP A 30 12.79 -6.75 6.06
C ASP A 30 12.29 -5.74 7.10
N LEU A 31 11.30 -4.95 6.67
CA LEU A 31 10.66 -3.94 7.52
C LEU A 31 9.87 -4.58 8.66
N PRO A 32 9.70 -3.85 9.78
CA PRO A 32 9.01 -4.40 10.96
C PRO A 32 7.60 -4.93 10.65
N TRP A 33 6.86 -4.20 9.81
CA TRP A 33 5.50 -4.59 9.48
C TRP A 33 5.44 -5.78 8.54
N ARG A 34 6.59 -6.26 8.09
CA ARG A 34 6.65 -7.48 7.30
C ARG A 34 7.05 -8.69 8.14
N LYS A 35 7.16 -8.51 9.45
CA LYS A 35 7.43 -9.65 10.35
C LYS A 35 6.32 -10.72 10.35
N ASP A 36 5.07 -10.31 10.20
CA ASP A 36 4.00 -11.29 10.01
C ASP A 36 2.94 -10.75 9.04
N ARG A 37 1.82 -11.43 8.93
CA ARG A 37 0.78 -11.01 7.99
C ARG A 37 -0.53 -10.72 8.71
N ASP A 38 -0.42 -10.19 9.92
CA ASP A 38 -1.58 -9.78 10.71
C ASP A 38 -2.27 -8.62 10.01
N PRO A 39 -3.56 -8.81 9.64
CA PRO A 39 -4.24 -7.69 8.99
C PRO A 39 -4.21 -6.41 9.82
N TYR A 40 -4.37 -6.54 11.13
CA TYR A 40 -4.28 -5.38 12.03
C TYR A 40 -2.97 -4.64 11.90
N LYS A 41 -1.87 -5.39 11.93
CA LYS A 41 -0.55 -4.74 11.84
C LYS A 41 -0.26 -4.12 10.48
N VAL A 42 -0.66 -4.80 9.41
CA VAL A 42 -0.56 -4.24 8.07
C VAL A 42 -1.33 -2.92 8.00
N TRP A 43 -2.55 -2.94 8.54
CA TRP A 43 -3.43 -1.79 8.56
C TRP A 43 -2.79 -0.61 9.28
N VAL A 44 -2.28 -0.84 10.47
CA VAL A 44 -1.61 0.22 11.23
C VAL A 44 -0.43 0.79 10.42
N SER A 45 0.36 -0.11 9.82
CA SER A 45 1.55 0.35 9.12
C SER A 45 1.14 1.14 7.88
N GLU A 46 0.04 0.73 7.22
CA GLU A 46 -0.40 1.48 6.05
C GLU A 46 -0.87 2.87 6.42
N VAL A 47 -1.57 3.00 7.55
CA VAL A 47 -2.01 4.32 7.99
C VAL A 47 -0.82 5.23 8.30
N MET A 48 0.17 4.70 9.00
CA MET A 48 1.36 5.49 9.29
C MET A 48 2.10 5.90 8.02
N LEU A 49 2.21 4.98 7.08
CA LEU A 49 3.06 5.24 5.93
C LEU A 49 2.41 6.18 4.95
N GLN A 50 1.10 6.37 5.12
CA GLN A 50 0.33 7.24 4.25
C GLN A 50 0.63 8.69 4.54
N GLN A 51 1.22 8.95 5.70
CA GLN A 51 1.46 10.32 6.12
C GLN A 51 2.91 10.62 6.46
N THR A 52 3.73 9.59 6.64
CA THR A 52 5.07 9.76 7.24
C THR A 52 6.14 8.91 6.56
N ARG A 53 7.35 9.44 6.42
CA ARG A 53 8.45 8.70 5.79
C ARG A 53 8.83 7.40 6.53
N VAL A 54 9.31 6.42 5.78
CA VAL A 54 9.55 5.09 6.32
C VAL A 54 10.55 5.13 7.48
N GLU A 55 11.53 6.03 7.37
CA GLU A 55 12.57 6.16 8.40
C GLU A 55 11.96 6.51 9.75
N THR A 56 10.93 7.34 9.75
CA THR A 56 10.22 7.73 10.97
C THR A 56 9.15 6.72 11.42
N VAL A 57 8.52 6.06 10.45
CA VAL A 57 7.47 5.10 10.79
C VAL A 57 8.07 3.89 11.53
N ILE A 58 9.28 3.50 11.15
CA ILE A 58 9.93 2.34 11.75
C ILE A 58 9.86 2.41 13.30
N PRO A 59 10.40 3.46 13.95
CA PRO A 59 10.32 3.36 15.41
C PRO A 59 8.92 3.58 15.98
N TYR A 60 8.11 4.42 15.35
CA TYR A 60 6.72 4.58 15.80
C TYR A 60 5.90 3.30 15.71
N PHE A 61 6.02 2.58 14.61
CA PHE A 61 5.30 1.30 14.46
C PHE A 61 5.68 0.33 15.58
N GLU A 62 6.98 0.18 15.83
CA GLU A 62 7.39 -0.77 16.85
C GLU A 62 6.85 -0.39 18.22
N GLN A 63 6.86 0.90 18.50
CA GLN A 63 6.42 1.43 19.77
C GLN A 63 4.89 1.28 19.92
N PHE A 64 4.20 1.54 18.81
CA PHE A 64 2.74 1.47 18.76
C PHE A 64 2.23 0.05 18.94
N ILE A 65 2.83 -0.89 18.22
CA ILE A 65 2.45 -2.30 18.31
C ILE A 65 2.91 -2.91 19.65
N ASP A 66 4.01 -2.41 20.20
CA ASP A 66 4.41 -2.86 21.52
C ASP A 66 3.30 -2.52 22.51
N ARG A 67 2.77 -1.31 22.42
CA ARG A 67 1.71 -0.86 23.33
C ARG A 67 0.38 -1.54 22.99
N PHE A 68 0.09 -1.70 21.71
CA PHE A 68 -1.18 -2.29 21.26
C PHE A 68 -0.95 -3.45 20.30
N PRO A 69 -0.58 -4.63 20.82
CA PRO A 69 -0.08 -5.74 20.01
C PRO A 69 -1.11 -6.37 19.08
N THR A 70 -2.38 -6.19 19.42
CA THR A 70 -3.47 -6.81 18.67
C THR A 70 -4.59 -5.82 18.47
N LEU A 71 -5.46 -6.11 17.52
CA LEU A 71 -6.60 -5.24 17.24
C LEU A 71 -7.44 -4.96 18.49
N GLU A 72 -7.74 -6.01 19.26
CA GLU A 72 -8.54 -5.85 20.46
C GLU A 72 -7.85 -4.97 21.50
N ALA A 73 -6.52 -5.00 21.51
CA ALA A 73 -5.76 -4.18 22.44
C ALA A 73 -5.94 -2.69 22.11
N LEU A 74 -5.92 -2.37 20.81
CA LEU A 74 -6.18 -1.00 20.39
C LEU A 74 -7.64 -0.62 20.61
N ALA A 75 -8.55 -1.49 20.18
CA ALA A 75 -9.98 -1.25 20.37
C ALA A 75 -10.28 -0.87 21.81
N ASP A 76 -9.68 -1.60 22.76
CA ASP A 76 -10.02 -1.43 24.17
C ASP A 76 -9.26 -0.28 24.85
N ALA A 77 -8.26 0.29 24.19
CA ALA A 77 -7.48 1.37 24.78
C ALA A 77 -8.27 2.68 24.83
N ASP A 78 -8.03 3.50 25.84
CA ASP A 78 -8.61 4.84 25.88
C ASP A 78 -8.01 5.68 24.78
N GLU A 79 -8.76 6.67 24.32
CA GLU A 79 -8.33 7.55 23.25
C GLU A 79 -7.05 8.29 23.64
N ASP A 80 -6.93 8.63 24.92
CA ASP A 80 -5.73 9.30 25.44
C ASP A 80 -4.47 8.49 25.19
N GLU A 81 -4.55 7.19 25.45
CA GLU A 81 -3.41 6.30 25.27
C GLU A 81 -3.07 6.17 23.80
N VAL A 82 -4.08 6.17 22.95
CA VAL A 82 -3.85 6.04 21.53
C VAL A 82 -3.14 7.28 21.00
N LEU A 83 -3.66 8.45 21.33
CA LEU A 83 -3.04 9.72 20.96
C LEU A 83 -1.60 9.83 21.48
N LYS A 84 -1.36 9.41 22.71
CA LYS A 84 -0.02 9.45 23.27
C LYS A 84 0.96 8.63 22.42
N ALA A 85 0.48 7.50 21.92
CA ALA A 85 1.28 6.61 21.07
C ALA A 85 1.56 7.20 19.69
N TRP A 86 0.67 8.08 19.24
CA TRP A 86 0.79 8.72 17.93
C TRP A 86 1.61 10.01 17.95
N GLU A 87 1.80 10.56 19.13
CA GLU A 87 2.32 11.91 19.26
C GLU A 87 3.67 12.08 18.57
N GLY A 88 3.73 12.99 17.62
CA GLY A 88 4.95 13.19 16.85
C GLY A 88 4.70 12.89 15.39
N LEU A 89 3.67 12.09 15.14
CA LEU A 89 3.30 11.72 13.78
C LEU A 89 2.35 12.75 13.13
N GLY A 90 1.64 13.50 13.96
CA GLY A 90 0.68 14.48 13.45
C GLY A 90 -0.53 13.81 12.82
N TYR A 91 -1.39 14.61 12.21
CA TYR A 91 -2.62 14.10 11.61
C TYR A 91 -3.44 13.30 12.62
N TYR A 92 -3.74 13.90 13.77
CA TYR A 92 -4.35 13.14 14.85
C TYR A 92 -5.75 12.64 14.52
N SER A 93 -6.43 13.30 13.59
CA SER A 93 -7.77 12.84 13.25
C SER A 93 -7.70 11.47 12.56
N ARG A 94 -6.58 11.20 11.90
N ARG A 94 -6.59 11.21 11.88
CA ARG A 94 -6.39 9.92 11.21
CA ARG A 94 -6.44 9.92 11.22
C ARG A 94 -6.16 8.74 12.15
C ARG A 94 -6.36 8.78 12.25
N VAL A 95 -5.63 8.99 13.34
CA VAL A 95 -5.50 7.93 14.33
C VAL A 95 -6.81 7.78 15.08
N ARG A 96 -7.54 8.89 15.23
CA ARG A 96 -8.84 8.82 15.88
C ARG A 96 -9.75 7.96 15.06
N ASN A 97 -9.72 8.16 13.75
CA ASN A 97 -10.51 7.36 12.82
C ASN A 97 -10.11 5.89 12.83
N LEU A 98 -8.81 5.60 12.87
CA LEU A 98 -8.36 4.21 13.00
C LEU A 98 -8.91 3.60 14.27
N HIS A 99 -8.92 4.37 15.35
CA HIS A 99 -9.38 3.87 16.63
C HIS A 99 -10.87 3.53 16.55
N ALA A 100 -11.66 4.42 15.94
CA ALA A 100 -13.08 4.18 15.77
C ALA A 100 -13.34 2.95 14.92
N ALA A 101 -12.52 2.79 13.87
CA ALA A 101 -12.69 1.69 12.94
C ALA A 101 -12.40 0.34 13.60
N VAL A 102 -11.35 0.31 14.41
N VAL A 102 -11.35 0.25 14.41
CA VAL A 102 -10.97 -0.88 15.14
CA VAL A 102 -11.10 -1.04 15.06
C VAL A 102 -12.08 -1.29 16.13
C VAL A 102 -12.13 -1.34 16.15
N LYS A 103 -12.69 -0.30 16.77
CA LYS A 103 -13.78 -0.52 17.71
C LYS A 103 -14.95 -1.12 16.96
N GLU A 104 -15.19 -0.62 15.75
CA GLU A 104 -16.30 -1.14 14.96
C GLU A 104 -16.04 -2.59 14.53
N VAL A 105 -14.79 -2.90 14.22
CA VAL A 105 -14.40 -4.26 13.89
C VAL A 105 -14.69 -5.20 15.07
N LYS A 106 -14.32 -4.79 16.28
CA LYS A 106 -14.58 -5.59 17.48
C LYS A 106 -16.07 -5.79 17.74
N THR A 107 -16.85 -4.75 17.47
CA THR A 107 -18.23 -4.76 17.92
C THR A 107 -19.20 -5.34 16.89
N ARG A 108 -18.90 -5.15 15.60
CA ARG A 108 -19.81 -5.59 14.55
C ARG A 108 -19.20 -6.66 13.64
N TYR A 109 -17.87 -6.83 13.66
CA TYR A 109 -17.22 -7.78 12.76
C TYR A 109 -16.37 -8.85 13.47
N GLY A 110 -16.79 -9.24 14.67
CA GLY A 110 -16.17 -10.35 15.37
C GLY A 110 -14.71 -10.17 15.73
N GLY A 111 -14.22 -8.94 15.67
CA GLY A 111 -12.85 -8.65 16.03
C GLY A 111 -11.84 -9.02 14.94
N LYS A 112 -12.34 -9.35 13.76
CA LYS A 112 -11.51 -9.74 12.62
C LYS A 112 -11.71 -8.76 11.48
N VAL A 113 -10.62 -8.28 10.88
CA VAL A 113 -10.75 -7.40 9.74
C VAL A 113 -11.50 -8.14 8.63
N PRO A 114 -12.59 -7.55 8.14
CA PRO A 114 -13.38 -8.19 7.09
C PRO A 114 -12.53 -8.49 5.85
N ASP A 115 -12.72 -9.66 5.24
CA ASP A 115 -12.00 -9.96 4.01
C ASP A 115 -12.85 -9.64 2.78
N ASP A 116 -14.03 -9.07 3.03
CA ASP A 116 -14.87 -8.52 1.97
C ASP A 116 -14.49 -7.04 1.76
N PRO A 117 -13.98 -6.71 0.56
CA PRO A 117 -13.56 -5.32 0.32
C PRO A 117 -14.67 -4.32 0.56
N ASP A 118 -15.90 -4.70 0.19
CA ASP A 118 -17.03 -3.80 0.39
C ASP A 118 -17.25 -3.48 1.86
N GLU A 119 -17.28 -4.50 2.71
CA GLU A 119 -17.48 -4.28 4.14
C GLU A 119 -16.32 -3.50 4.76
N PHE A 120 -15.10 -3.91 4.45
CA PHE A 120 -13.94 -3.25 5.03
C PHE A 120 -13.96 -1.77 4.65
N SER A 121 -14.36 -1.48 3.41
CA SER A 121 -14.35 -0.09 2.95
C SER A 121 -15.32 0.84 3.68
N ARG A 122 -16.34 0.29 4.35
CA ARG A 122 -17.33 1.13 5.01
C ARG A 122 -16.84 1.70 6.34
N LEU A 123 -15.71 1.21 6.83
CA LEU A 123 -15.14 1.68 8.08
C LEU A 123 -14.52 3.07 7.92
N LYS A 124 -14.63 3.87 8.97
CA LYS A 124 -14.19 5.26 8.93
C LYS A 124 -12.74 5.35 8.57
N GLY A 125 -12.45 6.20 7.60
CA GLY A 125 -11.06 6.42 7.21
C GLY A 125 -10.54 5.43 6.19
N VAL A 126 -11.29 4.37 5.91
CA VAL A 126 -10.79 3.29 5.06
C VAL A 126 -11.23 3.49 3.62
N GLY A 127 -10.25 3.69 2.73
CA GLY A 127 -10.53 3.93 1.32
C GLY A 127 -10.04 2.78 0.45
N PRO A 128 -10.15 2.95 -0.87
CA PRO A 128 -9.82 1.89 -1.83
C PRO A 128 -8.38 1.37 -1.66
N TYR A 129 -7.42 2.25 -1.43
CA TYR A 129 -6.04 1.77 -1.29
C TYR A 129 -5.85 0.92 -0.01
N THR A 130 -6.38 1.40 1.10
CA THR A 130 -6.20 0.70 2.36
C THR A 130 -6.85 -0.69 2.29
N VAL A 131 -8.03 -0.76 1.69
CA VAL A 131 -8.70 -2.01 1.46
C VAL A 131 -7.83 -2.98 0.66
N GLY A 132 -7.32 -2.53 -0.48
CA GLY A 132 -6.47 -3.38 -1.31
C GLY A 132 -5.19 -3.81 -0.64
N ALA A 133 -4.53 -2.89 0.07
CA ALA A 133 -3.28 -3.25 0.74
C ALA A 133 -3.50 -4.28 1.83
N VAL A 134 -4.48 -4.03 2.71
CA VAL A 134 -4.66 -4.91 3.86
C VAL A 134 -5.15 -6.27 3.40
N LEU A 135 -6.15 -6.29 2.52
CA LEU A 135 -6.71 -7.56 2.13
C LEU A 135 -5.76 -8.40 1.27
N SER A 136 -4.95 -7.78 0.40
CA SER A 136 -4.07 -8.58 -0.45
C SER A 136 -2.85 -9.07 0.35
N LEU A 137 -2.25 -8.16 1.12
CA LEU A 137 -1.09 -8.53 1.94
C LEU A 137 -1.43 -9.55 2.99
N ALA A 138 -2.54 -9.36 3.71
CA ALA A 138 -2.81 -10.22 4.84
C ALA A 138 -3.65 -11.42 4.49
N TYR A 139 -4.57 -11.27 3.55
CA TYR A 139 -5.49 -12.36 3.25
C TYR A 139 -5.28 -12.99 1.87
N GLY A 140 -4.46 -12.38 1.02
CA GLY A 140 -4.28 -12.87 -0.34
C GLY A 140 -5.46 -12.60 -1.26
N VAL A 141 -6.31 -11.66 -0.88
CA VAL A 141 -7.43 -11.31 -1.75
C VAL A 141 -6.87 -10.53 -2.97
N PRO A 142 -7.26 -10.94 -4.18
CA PRO A 142 -6.67 -10.32 -5.37
C PRO A 142 -7.22 -8.93 -5.67
N GLU A 143 -7.20 -8.05 -4.68
CA GLU A 143 -7.63 -6.65 -4.92
C GLU A 143 -6.41 -5.82 -5.25
N PRO A 144 -6.57 -4.83 -6.15
CA PRO A 144 -5.48 -3.87 -6.40
C PRO A 144 -5.24 -2.96 -5.19
N ALA A 145 -3.99 -2.53 -5.02
CA ALA A 145 -3.59 -1.68 -3.93
C ALA A 145 -2.82 -0.51 -4.54
N VAL A 146 -3.54 0.45 -5.09
CA VAL A 146 -2.93 1.48 -5.89
C VAL A 146 -2.74 2.77 -5.09
N ASN A 147 -1.54 2.99 -4.58
CA ASN A 147 -1.22 4.22 -3.87
C ASN A 147 -0.38 5.07 -4.82
N GLY A 148 0.15 6.20 -4.33
CA GLY A 148 0.99 7.06 -5.16
C GLY A 148 2.12 6.31 -5.85
N ASN A 149 2.78 5.42 -5.11
CA ASN A 149 3.92 4.68 -5.68
C ASN A 149 3.49 3.87 -6.88
N VAL A 150 2.37 3.17 -6.76
CA VAL A 150 1.90 2.30 -7.83
C VAL A 150 1.43 3.13 -9.02
N MET A 151 0.77 4.26 -8.74
CA MET A 151 0.36 5.15 -9.83
C MET A 151 1.55 5.61 -10.65
N ARG A 152 2.63 5.95 -9.96
CA ARG A 152 3.83 6.40 -10.68
C ARG A 152 4.38 5.26 -11.54
N VAL A 153 4.52 4.07 -10.96
CA VAL A 153 5.05 2.90 -11.70
C VAL A 153 4.16 2.58 -12.90
N LEU A 154 2.84 2.50 -12.68
CA LEU A 154 1.96 2.13 -13.78
C LEU A 154 1.88 3.21 -14.85
N SER A 155 1.91 4.48 -14.45
CA SER A 155 1.84 5.57 -15.42
C SER A 155 3.05 5.51 -16.34
N ARG A 156 4.19 5.09 -15.79
CA ARG A 156 5.39 4.99 -16.61
C ARG A 156 5.35 3.77 -17.50
N LEU A 157 5.14 2.60 -16.91
CA LEU A 157 5.08 1.36 -17.68
C LEU A 157 4.13 1.47 -18.86
N PHE A 158 2.96 2.06 -18.63
CA PHE A 158 1.92 2.04 -19.63
C PHE A 158 1.64 3.40 -20.26
N LEU A 159 2.47 4.37 -19.93
CA LEU A 159 2.38 5.71 -20.52
C LEU A 159 0.97 6.26 -20.31
N VAL A 160 0.51 6.26 -19.07
CA VAL A 160 -0.82 6.82 -18.75
C VAL A 160 -0.63 8.29 -18.43
N THR A 161 -1.16 9.16 -19.28
CA THR A 161 -0.94 10.58 -19.14
C THR A 161 -2.15 11.32 -18.57
N ASP A 162 -3.11 10.56 -18.04
CA ASP A 162 -4.28 11.17 -17.45
C ASP A 162 -3.98 11.64 -16.03
N ASP A 163 -4.69 12.68 -15.60
CA ASP A 163 -4.52 13.27 -14.26
C ASP A 163 -4.77 12.25 -13.15
N ILE A 164 -3.76 11.95 -12.31
CA ILE A 164 -3.96 10.89 -11.30
C ILE A 164 -4.83 11.32 -10.11
N ALA A 165 -5.23 12.58 -10.03
CA ALA A 165 -6.20 12.95 -9.02
C ALA A 165 -7.63 12.51 -9.36
N LYS A 166 -7.87 12.09 -10.60
CA LYS A 166 -9.22 11.71 -11.07
C LYS A 166 -9.56 10.26 -10.77
N CYS A 167 -10.82 10.02 -10.38
CA CYS A 167 -11.28 8.65 -10.15
C CYS A 167 -11.23 7.85 -11.45
N SER A 168 -11.44 8.49 -12.59
CA SER A 168 -11.44 7.72 -13.84
C SER A 168 -10.02 7.19 -14.10
N THR A 169 -9.02 8.02 -13.83
CA THR A 169 -7.62 7.60 -13.98
C THR A 169 -7.31 6.47 -12.99
N ARG A 170 -7.75 6.60 -11.74
CA ARG A 170 -7.44 5.56 -10.77
C ARG A 170 -8.15 4.25 -11.09
N LYS A 171 -9.35 4.34 -11.64
CA LYS A 171 -10.06 3.15 -12.08
C LYS A 171 -9.32 2.46 -13.23
N ARG A 172 -8.66 3.24 -14.06
N ARG A 172 -8.62 3.23 -14.05
CA ARG A 172 -7.86 2.66 -15.12
CA ARG A 172 -7.86 2.61 -15.13
C ARG A 172 -6.66 1.89 -14.54
C ARG A 172 -6.61 1.91 -14.58
N PHE A 173 -5.97 2.50 -13.58
CA PHE A 173 -4.81 1.84 -12.91
C PHE A 173 -5.30 0.56 -12.26
N GLU A 174 -6.45 0.64 -11.62
CA GLU A 174 -7.06 -0.54 -11.00
C GLU A 174 -7.28 -1.64 -12.03
N GLN A 175 -7.79 -1.27 -13.20
CA GLN A 175 -8.07 -2.26 -14.24
C GLN A 175 -6.78 -2.87 -14.77
N ILE A 176 -5.74 -2.05 -14.90
CA ILE A 176 -4.44 -2.56 -15.35
C ILE A 176 -3.94 -3.62 -14.36
N VAL A 177 -4.00 -3.31 -13.06
CA VAL A 177 -3.50 -4.25 -12.07
C VAL A 177 -4.29 -5.56 -12.17
N ARG A 178 -5.61 -5.48 -12.34
CA ARG A 178 -6.40 -6.71 -12.38
C ARG A 178 -6.02 -7.55 -13.60
N GLU A 179 -5.60 -6.92 -14.68
CA GLU A 179 -5.17 -7.66 -15.86
C GLU A 179 -3.78 -8.30 -15.72
N ILE A 180 -2.87 -7.62 -15.04
CA ILE A 180 -1.48 -8.09 -15.02
C ILE A 180 -1.06 -8.73 -13.71
N MET A 181 -1.93 -8.70 -12.73
CA MET A 181 -1.61 -9.25 -11.42
C MET A 181 -1.23 -10.74 -11.48
N ALA A 182 -0.24 -11.11 -10.68
CA ALA A 182 0.07 -12.51 -10.43
C ALA A 182 -0.95 -13.09 -9.45
N TYR A 183 -1.98 -13.78 -9.94
CA TYR A 183 -3.07 -14.22 -9.07
C TYR A 183 -2.65 -15.34 -8.12
N GLU A 184 -1.50 -15.96 -8.34
CA GLU A 184 -1.04 -16.97 -7.42
C GLU A 184 -0.48 -16.34 -6.14
N ASN A 185 -0.16 -15.04 -6.19
CA ASN A 185 0.30 -14.35 -4.99
C ASN A 185 0.06 -12.85 -5.05
N PRO A 186 -1.20 -12.43 -4.88
CA PRO A 186 -1.61 -11.03 -5.02
C PRO A 186 -0.91 -10.10 -4.03
N GLY A 187 -0.73 -10.56 -2.79
CA GLY A 187 0.02 -9.82 -1.80
C GLY A 187 1.42 -9.49 -2.24
N ALA A 188 2.17 -10.50 -2.67
CA ALA A 188 3.55 -10.28 -3.12
C ALA A 188 3.58 -9.36 -4.33
N PHE A 189 2.65 -9.58 -5.26
CA PHE A 189 2.58 -8.76 -6.48
C PHE A 189 2.39 -7.28 -6.10
N ASN A 190 1.40 -6.99 -5.25
CA ASN A 190 1.12 -5.62 -4.85
C ASN A 190 2.26 -4.99 -4.06
N GLU A 191 2.82 -5.77 -3.14
CA GLU A 191 3.98 -5.33 -2.39
C GLU A 191 5.16 -5.01 -3.31
N ALA A 192 5.35 -5.87 -4.32
CA ALA A 192 6.48 -5.68 -5.23
C ALA A 192 6.31 -4.38 -6.02
N LEU A 193 5.10 -4.06 -6.47
CA LEU A 193 4.89 -2.82 -7.21
C LEU A 193 5.17 -1.60 -6.33
N ILE A 194 4.75 -1.68 -5.07
CA ILE A 194 4.98 -0.59 -4.13
C ILE A 194 6.49 -0.43 -3.81
N GLU A 195 7.13 -1.56 -3.63
CA GLU A 195 8.56 -1.56 -3.32
C GLU A 195 9.36 -0.98 -4.50
N LEU A 196 8.96 -1.33 -5.72
CA LEU A 196 9.63 -0.82 -6.92
C LEU A 196 9.52 0.71 -6.94
N GLY A 197 8.32 1.19 -6.66
CA GLY A 197 8.06 2.62 -6.58
C GLY A 197 8.86 3.31 -5.50
N ALA A 198 9.12 2.61 -4.40
CA ALA A 198 9.87 3.19 -3.30
C ALA A 198 11.38 3.23 -3.57
N LEU A 199 11.89 2.22 -4.27
CA LEU A 199 13.35 2.02 -4.31
C LEU A 199 13.96 2.30 -5.67
N VAL A 200 13.18 2.13 -6.72
CA VAL A 200 13.72 2.16 -8.08
C VAL A 200 13.00 3.20 -8.93
N CYS A 201 11.69 3.04 -9.05
CA CYS A 201 10.91 3.92 -9.89
C CYS A 201 10.49 5.12 -9.08
N THR A 202 11.48 5.95 -8.72
CA THR A 202 11.30 7.05 -7.79
C THR A 202 10.74 8.30 -8.46
N PRO A 203 10.22 9.24 -7.67
CA PRO A 203 9.65 10.44 -8.28
C PRO A 203 10.60 11.16 -9.20
N ARG A 204 11.82 11.42 -8.72
CA ARG A 204 12.81 12.05 -9.57
C ARG A 204 13.93 11.06 -9.85
N ARG A 205 14.56 11.23 -11.00
CA ARG A 205 15.65 10.38 -11.44
C ARG A 205 15.47 8.88 -11.13
N PRO A 206 14.39 8.26 -11.66
CA PRO A 206 14.22 6.82 -11.48
C PRO A 206 15.44 6.02 -11.93
N SER A 207 15.71 4.91 -11.25
CA SER A 207 16.87 4.07 -11.53
C SER A 207 16.61 3.08 -12.68
N CYS A 208 16.24 3.61 -13.84
CA CYS A 208 15.83 2.78 -14.97
C CYS A 208 16.88 1.77 -15.39
N LEU A 209 18.16 2.15 -15.27
CA LEU A 209 19.23 1.28 -15.76
C LEU A 209 19.38 0.00 -14.95
N LEU A 210 18.92 0.03 -13.70
N LEU A 210 18.88 -0.03 -13.72
CA LEU A 210 18.89 -1.17 -12.87
CA LEU A 210 18.91 -1.28 -12.97
C LEU A 210 17.46 -1.60 -12.50
C LEU A 210 17.52 -1.86 -12.73
N CYS A 211 16.51 -1.26 -13.37
CA CYS A 211 15.12 -1.64 -13.13
C CYS A 211 14.80 -3.03 -13.69
N PRO A 212 14.23 -3.89 -12.87
CA PRO A 212 13.97 -5.26 -13.31
C PRO A 212 12.91 -5.35 -14.40
N VAL A 213 12.10 -4.31 -14.58
CA VAL A 213 11.03 -4.37 -15.57
C VAL A 213 11.21 -3.32 -16.67
N GLN A 214 12.46 -2.96 -16.91
CA GLN A 214 12.78 -1.95 -17.91
C GLN A 214 12.32 -2.35 -19.31
N ALA A 215 12.40 -3.64 -19.64
CA ALA A 215 12.07 -4.14 -20.97
C ALA A 215 10.60 -3.98 -21.28
N TYR A 216 9.80 -3.75 -20.24
CA TYR A 216 8.35 -3.65 -20.37
C TYR A 216 7.86 -2.19 -20.35
N CYS A 217 8.79 -1.26 -20.15
CA CYS A 217 8.40 0.10 -19.80
C CYS A 217 8.31 1.08 -20.98
N GLN A 218 7.11 1.60 -21.23
CA GLN A 218 6.93 2.50 -22.37
C GLN A 218 7.56 3.88 -22.10
N ALA A 219 7.50 4.34 -20.86
CA ALA A 219 8.10 5.64 -20.53
C ALA A 219 9.61 5.62 -20.74
N PHE A 220 10.27 4.55 -20.29
CA PHE A 220 11.70 4.48 -20.52
C PHE A 220 12.00 4.48 -22.02
N ALA A 221 11.24 3.66 -22.75
CA ALA A 221 11.42 3.53 -24.19
C ALA A 221 11.26 4.87 -24.91
N GLU A 222 10.41 5.73 -24.38
CA GLU A 222 10.12 7.00 -25.02
C GLU A 222 10.91 8.14 -24.40
N GLY A 223 11.67 7.83 -23.36
CA GLY A 223 12.47 8.81 -22.64
C GLY A 223 11.68 9.91 -21.95
N VAL A 224 10.56 9.56 -21.34
CA VAL A 224 9.68 10.53 -20.68
C VAL A 224 9.32 10.14 -19.23
N ALA A 225 10.06 9.20 -18.64
CA ALA A 225 9.72 8.74 -17.30
C ALA A 225 9.63 9.87 -16.29
N GLU A 226 10.49 10.87 -16.43
CA GLU A 226 10.54 11.90 -15.41
C GLU A 226 9.36 12.86 -15.55
N GLU A 227 8.64 12.74 -16.65
CA GLU A 227 7.48 13.58 -16.85
C GLU A 227 6.20 12.98 -16.25
N LEU A 228 6.34 11.79 -15.67
CA LEU A 228 5.20 10.98 -15.22
C LEU A 228 5.30 10.66 -13.74
N PRO A 229 4.15 10.56 -13.03
CA PRO A 229 2.79 10.68 -13.54
C PRO A 229 2.32 12.12 -13.72
N VAL A 230 1.20 12.27 -14.42
CA VAL A 230 0.60 13.57 -14.64
C VAL A 230 -0.31 13.91 -13.49
N LYS A 231 -0.05 15.06 -12.87
CA LYS A 231 -0.90 15.59 -11.80
C LYS A 231 -1.26 17.02 -12.15
N MET A 232 -2.54 17.33 -12.15
CA MET A 232 -2.96 18.70 -12.34
C MET A 232 -3.26 19.31 -10.97
#